data_3L3J
#
_entry.id   3L3J
#
_cell.length_a   50.802
_cell.length_b   82.214
_cell.length_c   110.034
_cell.angle_alpha   90.00
_cell.angle_beta   90.00
_cell.angle_gamma   90.00
#
_symmetry.space_group_name_H-M   'P 21 21 21'
#
loop_
_entity.id
_entity.type
_entity.pdbx_description
1 polymer 'HLA class I histocompatibility antigen, B-44 alpha chain'
2 polymer Beta-2-microglobulin
3 polymer 'peptide from HLA-DPA1 protein'
4 non-polymer 'ACETATE ION'
5 water water
#
loop_
_entity_poly.entity_id
_entity_poly.type
_entity_poly.pdbx_seq_one_letter_code
_entity_poly.pdbx_strand_id
1 'polypeptide(L)'
;GSHSMRYFYTAMSRPGRGEPRFITVGYVDDTLFVRFDSDATSPRKEPRAPWIEQEGPEYWDRETQISKTNTQTYRENLRT
ALRYYNQSEAGSHIIQRMYGCDVGPDGRLLRGYDQDAYDGKDYIALNEDLSSWTAADTAAQITQRKWEAARVAEQDRAYL
EGLCVESLRRYLENGKETLQRADPPKTHVTHHPISDHEVTLRCWALGFYPAEITLTWQRDGEDQTQDTELVETRPAGDRT
FQKWAAVVVPSGEEQRYTCHVQHEGLPKPLTLRWEP
;
A
2 'polypeptide(L)'
;IQRTPKIQVYSRHPAENGKSNFLNCYVSGFHPSDIEVDLLKNGERIEKVEHSDLSFSKDWSFYLLYYTEFTPTEKDEYAC
RVNHVTLSQPKIVKWDRDM
;
B
3 'polypeptide(L)' EEAGAAFSF C
#
loop_
_chem_comp.id
_chem_comp.type
_chem_comp.name
_chem_comp.formula
ACT non-polymer 'ACETATE ION' 'C2 H3 O2 -1'
#
# COMPACT_ATOMS: atom_id res chain seq x y z
N GLY A 1 11.59 -4.73 17.35
CA GLY A 1 11.72 -3.69 16.27
C GLY A 1 11.02 -2.37 16.56
N SER A 2 10.98 -1.51 15.54
CA SER A 2 10.19 -0.28 15.60
C SER A 2 8.83 -0.54 14.97
N HIS A 3 7.85 0.26 15.37
CA HIS A 3 6.49 0.07 14.86
C HIS A 3 5.82 1.38 14.47
N SER A 4 4.76 1.27 13.67
CA SER A 4 3.94 2.43 13.30
C SER A 4 2.49 2.07 13.15
N MET A 5 1.62 3.06 13.36
CA MET A 5 0.20 2.97 13.10
C MET A 5 -0.19 4.12 12.19
N ARG A 6 -0.96 3.81 11.13
CA ARG A 6 -1.38 4.80 10.15
C ARG A 6 -2.87 4.64 9.86
N TYR A 7 -3.54 5.77 9.66
CA TYR A 7 -4.88 5.80 9.12
C TYR A 7 -4.84 6.53 7.76
N PHE A 8 -5.45 5.94 6.71
CA PHE A 8 -5.47 6.53 5.36
C PHE A 8 -6.91 6.79 4.90
N TYR A 9 -7.31 8.06 4.79
CA TYR A 9 -8.60 8.48 4.21
C TYR A 9 -8.49 8.72 2.72
N THR A 10 -9.51 8.30 1.97
CA THR A 10 -9.68 8.72 0.59
C THR A 10 -11.11 9.17 0.39
N ALA A 11 -11.30 10.43 0.03
CA ALA A 11 -12.61 11.00 -0.25
C ALA A 11 -12.69 11.37 -1.72
N MET A 12 -13.67 10.80 -2.45
CA MET A 12 -13.71 10.93 -3.90
CA MET A 12 -13.73 10.88 -3.92
C MET A 12 -15.08 11.42 -4.42
N SER A 13 -15.11 12.64 -4.92
CA SER A 13 -16.35 13.21 -5.47
C SER A 13 -16.65 12.52 -6.78
N ARG A 14 -17.92 12.43 -7.14
CA ARG A 14 -18.36 11.70 -8.34
C ARG A 14 -19.65 12.32 -8.88
N PRO A 15 -19.56 13.56 -9.38
CA PRO A 15 -20.78 14.28 -9.75
C PRO A 15 -21.66 13.46 -10.68
N GLY A 16 -22.95 13.39 -10.34
CA GLY A 16 -23.91 12.64 -11.15
C GLY A 16 -24.11 11.21 -10.65
N ARG A 17 -23.32 10.81 -9.66
CA ARG A 17 -23.33 9.44 -9.13
C ARG A 17 -23.34 9.40 -7.61
N GLY A 18 -23.93 10.42 -7.01
CA GLY A 18 -24.17 10.43 -5.59
C GLY A 18 -23.12 11.23 -4.84
N GLU A 19 -23.10 11.03 -3.53
CA GLU A 19 -22.25 11.83 -2.66
C GLU A 19 -20.84 11.24 -2.60
N PRO A 20 -19.84 12.08 -2.31
CA PRO A 20 -18.49 11.57 -2.38
C PRO A 20 -18.29 10.30 -1.55
N ARG A 21 -17.52 9.34 -2.08
CA ARG A 21 -17.21 8.11 -1.37
C ARG A 21 -16.11 8.37 -0.35
N PHE A 22 -16.34 7.96 0.89
CA PHE A 22 -15.31 8.08 1.91
C PHE A 22 -14.85 6.69 2.38
N ILE A 23 -13.54 6.49 2.39
CA ILE A 23 -12.93 5.20 2.70
C ILE A 23 -11.84 5.38 3.76
N THR A 24 -11.82 4.55 4.79
CA THR A 24 -10.77 4.67 5.81
C THR A 24 -10.16 3.30 6.02
N VAL A 25 -8.83 3.24 6.03
CA VAL A 25 -8.11 2.00 6.37
C VAL A 25 -7.06 2.31 7.43
N GLY A 26 -6.89 1.40 8.38
CA GLY A 26 -6.00 1.57 9.50
C GLY A 26 -5.04 0.41 9.40
N TYR A 27 -3.74 0.73 9.51
CA TYR A 27 -2.63 -0.24 9.44
C TYR A 27 -1.72 -0.11 10.65
N VAL A 28 -1.38 -1.26 11.25
CA VAL A 28 -0.19 -1.40 12.09
C VAL A 28 0.91 -2.00 11.20
N ASP A 29 2.00 -1.25 11.01
CA ASP A 29 3.10 -1.67 10.14
C ASP A 29 2.48 -2.02 8.78
N ASP A 30 2.70 -3.25 8.28
CA ASP A 30 2.09 -3.65 6.98
C ASP A 30 0.89 -4.60 7.13
N THR A 31 0.21 -4.53 8.27
CA THR A 31 -1.05 -5.28 8.46
C THR A 31 -2.23 -4.34 8.52
N LEU A 32 -3.20 -4.57 7.66
CA LEU A 32 -4.49 -3.87 7.72
C LEU A 32 -5.32 -4.39 8.89
N PHE A 33 -5.77 -3.49 9.77
CA PHE A 33 -6.49 -3.92 10.97
C PHE A 33 -7.95 -3.50 11.04
N VAL A 34 -8.30 -2.45 10.29
CA VAL A 34 -9.63 -1.86 10.36
C VAL A 34 -9.97 -1.08 9.10
N ARG A 35 -11.26 -1.00 8.78
CA ARG A 35 -11.74 -0.39 7.54
C ARG A 35 -13.13 0.23 7.70
N PHE A 36 -13.38 1.30 6.94
CA PHE A 36 -14.67 1.98 6.87
C PHE A 36 -14.87 2.49 5.43
N ASP A 37 -16.08 2.31 4.89
CA ASP A 37 -16.38 2.60 3.49
C ASP A 37 -17.81 3.11 3.42
N SER A 38 -18.00 4.35 2.95
CA SER A 38 -19.34 4.97 2.97
C SER A 38 -20.32 4.35 2.00
N ASP A 39 -19.84 3.48 1.10
CA ASP A 39 -20.76 2.78 0.21
C ASP A 39 -21.26 1.44 0.77
N ALA A 40 -20.69 0.97 1.88
CA ALA A 40 -21.08 -0.34 2.42
C ALA A 40 -22.57 -0.31 2.72
N THR A 41 -23.23 -1.46 2.63
CA THR A 41 -24.66 -1.55 2.93
C THR A 41 -24.97 -0.86 4.28
N SER A 42 -24.21 -1.19 5.31
CA SER A 42 -24.25 -0.44 6.57
C SER A 42 -22.89 0.14 6.95
N PRO A 43 -22.66 1.42 6.60
CA PRO A 43 -21.34 1.99 6.77
C PRO A 43 -20.94 1.92 8.24
N ARG A 44 -19.92 1.12 8.53
CA ARG A 44 -19.35 1.06 9.87
C ARG A 44 -17.89 0.62 9.83
N LYS A 45 -17.14 1.01 10.87
CA LYS A 45 -15.83 0.46 11.15
C LYS A 45 -15.90 -1.06 11.30
N GLU A 46 -15.05 -1.74 10.54
CA GLU A 46 -15.06 -3.20 10.51
C GLU A 46 -13.68 -3.79 10.80
N PRO A 47 -13.61 -4.88 11.61
CA PRO A 47 -12.31 -5.49 11.94
C PRO A 47 -11.70 -6.21 10.72
N ARG A 48 -10.39 -6.14 10.56
CA ARG A 48 -9.71 -6.82 9.42
C ARG A 48 -8.55 -7.70 9.91
N ALA A 49 -8.45 -7.82 11.23
CA ALA A 49 -7.42 -8.62 11.87
C ALA A 49 -8.02 -9.25 13.13
N PRO A 50 -7.61 -10.49 13.46
CA PRO A 50 -8.22 -11.17 14.61
C PRO A 50 -8.01 -10.44 15.94
N TRP A 51 -6.82 -9.86 16.15
CA TRP A 51 -6.46 -9.25 17.43
C TRP A 51 -7.22 -7.96 17.75
N ILE A 52 -7.87 -7.34 16.76
CA ILE A 52 -8.74 -6.18 17.00
C ILE A 52 -10.19 -6.59 17.29
N GLU A 53 -10.52 -7.86 17.09
CA GLU A 53 -11.90 -8.34 17.32
C GLU A 53 -12.29 -8.29 18.79
N GLN A 54 -11.28 -8.40 19.66
CA GLN A 54 -11.46 -8.46 21.11
C GLN A 54 -11.65 -7.07 21.72
N GLU A 55 -11.89 -6.05 20.89
CA GLU A 55 -12.24 -4.70 21.37
C GLU A 55 -13.73 -4.61 21.67
N GLY A 56 -14.08 -4.05 22.83
CA GLY A 56 -15.47 -3.95 23.26
C GLY A 56 -16.40 -3.18 22.33
N PRO A 57 -17.73 -3.38 22.50
CA PRO A 57 -18.79 -2.73 21.72
C PRO A 57 -18.68 -1.20 21.65
N GLU A 58 -18.31 -0.56 22.75
CA GLU A 58 -18.11 0.89 22.76
C GLU A 58 -17.06 1.35 21.74
N TYR A 59 -15.92 0.65 21.69
CA TYR A 59 -14.87 0.92 20.70
C TYR A 59 -15.45 1.14 19.29
N TRP A 60 -16.23 0.16 18.81
CA TRP A 60 -16.76 0.17 17.44
C TRP A 60 -17.75 1.27 17.16
N ASP A 61 -18.51 1.67 18.18
CA ASP A 61 -19.48 2.75 18.05
C ASP A 61 -18.81 4.11 18.04
N ARG A 62 -17.81 4.27 18.90
CA ARG A 62 -17.00 5.48 18.92
C ARG A 62 -16.25 5.65 17.60
N GLU A 63 -15.63 4.57 17.13
CA GLU A 63 -14.81 4.60 15.92
C GLU A 63 -15.64 4.78 14.65
N THR A 64 -16.84 4.21 14.65
CA THR A 64 -17.74 4.40 13.52
C THR A 64 -18.21 5.85 13.47
N GLN A 65 -18.55 6.43 14.63
CA GLN A 65 -19.00 7.82 14.70
C GLN A 65 -17.96 8.78 14.16
N ILE A 66 -16.72 8.63 14.63
CA ILE A 66 -15.59 9.39 14.09
C ILE A 66 -15.62 9.33 12.55
N SER A 67 -15.78 8.13 12.00
CA SER A 67 -15.77 7.91 10.56
C SER A 67 -17.00 8.45 9.84
N LYS A 68 -18.17 8.44 10.49
CA LYS A 68 -19.34 9.05 9.88
C LYS A 68 -19.26 10.58 9.90
N THR A 69 -18.78 11.16 11.00
CA THR A 69 -18.51 12.58 11.06
C THR A 69 -17.50 12.99 9.98
N ASN A 70 -16.43 12.21 9.86
CA ASN A 70 -15.36 12.51 8.91
C ASN A 70 -15.85 12.47 7.45
N THR A 71 -16.74 11.51 7.15
CA THR A 71 -17.41 11.41 5.84
C THR A 71 -17.98 12.76 5.43
N GLN A 72 -18.76 13.36 6.33
CA GLN A 72 -19.34 14.68 6.10
C GLN A 72 -18.26 15.76 5.93
N THR A 73 -17.32 15.81 6.86
CA THR A 73 -16.28 16.84 6.87
C THR A 73 -15.53 16.80 5.54
N TYR A 74 -15.06 15.61 5.18
CA TYR A 74 -14.29 15.37 3.96
C TYR A 74 -15.06 15.62 2.67
N ARG A 75 -16.38 15.47 2.72
CA ARG A 75 -17.27 15.94 1.67
C ARG A 75 -17.41 17.47 1.67
N GLU A 76 -17.42 18.08 2.86
CA GLU A 76 -17.38 19.52 3.00
C GLU A 76 -16.06 20.00 2.40
N ASN A 77 -14.99 19.26 2.70
CA ASN A 77 -13.65 19.57 2.20
C ASN A 77 -13.50 19.59 0.66
N LEU A 78 -14.12 18.64 -0.02
CA LEU A 78 -14.03 18.63 -1.48
C LEU A 78 -14.71 19.84 -2.07
N ARG A 79 -15.83 20.25 -1.47
CA ARG A 79 -16.56 21.42 -1.95
C ARG A 79 -15.73 22.69 -1.76
N THR A 80 -15.09 22.77 -0.61
CA THR A 80 -14.11 23.79 -0.32
C THR A 80 -12.93 23.83 -1.32
N ALA A 81 -12.26 22.69 -1.54
CA ALA A 81 -11.16 22.70 -2.53
C ALA A 81 -11.64 23.24 -3.88
N LEU A 82 -12.92 23.01 -4.20
CA LEU A 82 -13.51 23.54 -5.42
C LEU A 82 -13.54 25.06 -5.44
N ARG A 83 -14.01 25.68 -4.37
CA ARG A 83 -13.96 27.14 -4.26
C ARG A 83 -12.50 27.63 -4.29
N TYR A 84 -11.67 27.10 -3.38
CA TYR A 84 -10.27 27.56 -3.21
C TYR A 84 -9.42 27.51 -4.49
N TYR A 85 -9.75 26.57 -5.38
CA TYR A 85 -9.03 26.40 -6.64
C TYR A 85 -9.83 26.85 -7.89
N ASN A 86 -10.96 27.53 -7.67
CA ASN A 86 -11.78 28.06 -8.78
C ASN A 86 -12.12 27.00 -9.81
N GLN A 87 -12.36 25.77 -9.36
CA GLN A 87 -12.71 24.69 -10.29
C GLN A 87 -14.24 24.55 -10.46
N SER A 88 -14.67 23.71 -11.41
CA SER A 88 -16.10 23.52 -11.62
C SER A 88 -16.62 22.30 -10.89
N GLU A 89 -17.95 22.25 -10.77
CA GLU A 89 -18.64 21.19 -10.05
C GLU A 89 -18.88 19.95 -10.90
N ALA A 90 -18.31 19.92 -12.10
CA ALA A 90 -18.54 18.83 -13.03
C ALA A 90 -17.46 17.74 -12.96
N GLY A 91 -16.31 18.06 -12.35
CA GLY A 91 -15.19 17.13 -12.29
C GLY A 91 -15.10 16.32 -11.00
N SER A 92 -14.58 15.11 -11.10
CA SER A 92 -14.36 14.28 -9.93
C SER A 92 -12.98 14.60 -9.35
N HIS A 93 -12.94 14.83 -8.04
CA HIS A 93 -11.70 15.13 -7.36
C HIS A 93 -11.45 14.17 -6.19
N ILE A 94 -10.21 14.15 -5.70
CA ILE A 94 -9.84 13.25 -4.60
C ILE A 94 -9.14 14.05 -3.51
N ILE A 95 -9.55 13.88 -2.24
CA ILE A 95 -8.77 14.29 -1.06
C ILE A 95 -8.36 13.04 -0.28
N GLN A 96 -7.09 13.03 0.11
CA GLN A 96 -6.50 11.95 0.85
C GLN A 96 -5.90 12.52 2.09
N ARG A 97 -5.88 11.70 3.13
CA ARG A 97 -5.23 11.99 4.37
C ARG A 97 -4.45 10.76 4.87
N MET A 98 -3.21 11.00 5.29
CA MET A 98 -2.50 10.03 6.07
C MET A 98 -2.07 10.70 7.36
N TYR A 99 -2.40 10.07 8.49
CA TYR A 99 -1.94 10.56 9.80
C TYR A 99 -1.63 9.38 10.70
N GLY A 100 -0.73 9.58 11.68
CA GLY A 100 -0.31 8.44 12.53
C GLY A 100 0.98 8.64 13.29
N CYS A 101 1.50 7.56 13.89
CA CYS A 101 2.68 7.66 14.75
C CYS A 101 3.67 6.52 14.60
N ASP A 102 4.95 6.85 14.68
CA ASP A 102 6.01 5.85 14.74
C ASP A 102 6.49 5.73 16.17
N VAL A 103 6.73 4.50 16.61
CA VAL A 103 7.27 4.25 17.95
C VAL A 103 8.54 3.44 17.88
N GLY A 104 9.46 3.75 18.79
CA GLY A 104 10.70 3.00 18.92
C GLY A 104 10.44 1.71 19.65
N PRO A 105 11.47 0.86 19.76
CA PRO A 105 11.32 -0.43 20.45
C PRO A 105 10.81 -0.27 21.89
N ASP A 106 11.35 0.71 22.61
CA ASP A 106 10.86 1.07 23.94
C ASP A 106 9.36 1.42 23.97
N GLY A 107 8.81 1.87 22.85
CA GLY A 107 7.38 2.13 22.71
C GLY A 107 6.95 3.59 22.72
N ARG A 108 7.91 4.52 22.83
CA ARG A 108 7.55 5.93 22.82
C ARG A 108 7.71 6.56 21.43
N LEU A 109 7.01 7.67 21.24
CA LEU A 109 6.96 8.39 19.96
C LEU A 109 8.34 8.62 19.36
N LEU A 110 8.48 8.33 18.06
CA LEU A 110 9.65 8.78 17.29
C LEU A 110 9.30 9.93 16.35
N ARG A 111 8.08 9.93 15.83
CA ARG A 111 7.65 10.90 14.81
C ARG A 111 6.12 10.84 14.62
N GLY A 112 5.50 11.96 14.26
CA GLY A 112 4.06 12.00 14.03
C GLY A 112 3.68 12.72 12.75
N TYR A 113 2.56 12.32 12.16
CA TYR A 113 2.10 12.81 10.87
C TYR A 113 0.61 13.20 10.85
N ASP A 114 0.31 14.18 10.00
CA ASP A 114 -1.04 14.58 9.67
C ASP A 114 -0.89 15.44 8.44
N GLN A 115 -1.15 14.81 7.29
CA GLN A 115 -0.96 15.47 6.03
C GLN A 115 -2.10 15.13 5.09
N ASP A 116 -2.37 16.07 4.17
CA ASP A 116 -3.41 15.87 3.18
C ASP A 116 -2.90 16.10 1.76
N ALA A 117 -3.56 15.48 0.80
CA ALA A 117 -3.29 15.73 -0.61
C ALA A 117 -4.59 15.97 -1.38
N TYR A 118 -4.56 16.86 -2.38
CA TYR A 118 -5.72 17.14 -3.24
C TYR A 118 -5.33 16.76 -4.66
N ASP A 119 -6.12 15.87 -5.25
CA ASP A 119 -5.80 15.28 -6.55
C ASP A 119 -4.37 14.77 -6.68
N GLY A 120 -3.88 14.06 -5.66
CA GLY A 120 -2.55 13.42 -5.73
C GLY A 120 -1.32 14.31 -5.61
N LYS A 121 -1.53 15.62 -5.47
CA LYS A 121 -0.46 16.57 -5.13
C LYS A 121 -0.63 17.05 -3.69
N ASP A 122 0.51 17.35 -3.05
CA ASP A 122 0.50 17.85 -1.67
C ASP A 122 -0.32 19.13 -1.47
N TYR A 123 -1.02 19.15 -0.33
CA TYR A 123 -1.88 20.25 0.07
C TYR A 123 -1.31 20.86 1.35
N ILE A 124 -1.37 20.12 2.45
CA ILE A 124 -0.91 20.60 3.76
C ILE A 124 -0.35 19.41 4.57
N ALA A 125 0.70 19.69 5.34
CA ALA A 125 1.37 18.66 6.14
C ALA A 125 1.76 19.23 7.51
N LEU A 126 1.49 18.48 8.58
CA LEU A 126 1.90 18.83 9.94
C LEU A 126 3.40 18.60 9.99
N ASN A 127 4.17 19.61 10.39
CA ASN A 127 5.62 19.44 10.42
C ASN A 127 6.05 18.49 11.52
N GLU A 128 7.26 17.93 11.40
CA GLU A 128 7.79 17.04 12.45
C GLU A 128 7.62 17.59 13.89
N ASP A 129 7.68 18.92 14.06
CA ASP A 129 7.57 19.50 15.40
C ASP A 129 6.16 19.43 16.02
N LEU A 130 5.17 19.06 15.21
CA LEU A 130 3.79 18.89 15.64
C LEU A 130 3.16 20.15 16.24
N SER A 131 3.49 21.30 15.66
CA SER A 131 2.95 22.59 16.12
C SER A 131 2.87 23.57 14.96
N SER A 132 3.41 23.18 13.82
CA SER A 132 3.43 24.05 12.65
C SER A 132 3.12 23.30 11.37
N TRP A 133 2.62 24.03 10.39
CA TRP A 133 2.10 23.48 9.16
C TRP A 133 2.95 23.89 7.97
N THR A 134 3.04 22.98 7.00
CA THR A 134 3.52 23.32 5.68
C THR A 134 2.34 23.25 4.69
N ALA A 135 1.93 24.41 4.20
CA ALA A 135 0.95 24.57 3.12
C ALA A 135 1.68 24.59 1.78
N ALA A 136 1.14 23.89 0.78
CA ALA A 136 1.81 23.71 -0.52
C ALA A 136 1.61 24.84 -1.54
N ASP A 137 0.56 25.62 -1.35
CA ASP A 137 0.23 26.68 -2.30
C ASP A 137 -0.66 27.65 -1.58
N THR A 138 -1.19 28.64 -2.31
CA THR A 138 -1.99 29.68 -1.68
C THR A 138 -3.35 29.20 -1.20
N ALA A 139 -3.91 28.19 -1.87
CA ALA A 139 -5.16 27.58 -1.39
C ALA A 139 -4.97 26.97 0.00
N ALA A 140 -3.93 26.15 0.15
CA ALA A 140 -3.72 25.42 1.41
C ALA A 140 -3.31 26.35 2.55
N GLN A 141 -2.81 27.54 2.20
CA GLN A 141 -2.49 28.60 3.17
C GLN A 141 -3.73 29.07 3.93
N ILE A 142 -4.87 29.11 3.24
CA ILE A 142 -6.19 29.44 3.81
C ILE A 142 -6.56 28.40 4.87
N THR A 143 -6.43 27.12 4.51
CA THR A 143 -6.59 26.05 5.49
C THR A 143 -5.63 26.21 6.69
N GLN A 144 -4.36 26.48 6.41
CA GLN A 144 -3.36 26.69 7.46
C GLN A 144 -3.83 27.77 8.44
N ARG A 145 -4.16 28.93 7.88
CA ARG A 145 -4.72 30.02 8.67
C ARG A 145 -5.84 29.52 9.56
N LYS A 146 -6.84 28.87 8.98
CA LYS A 146 -7.95 28.28 9.74
C LYS A 146 -7.47 27.33 10.87
N TRP A 147 -6.53 26.45 10.54
CA TRP A 147 -6.01 25.42 11.47
C TRP A 147 -5.19 25.96 12.64
N GLU A 148 -4.42 27.03 12.40
CA GLU A 148 -3.68 27.74 13.47
C GLU A 148 -4.68 28.45 14.37
N ALA A 149 -5.57 29.21 13.76
CA ALA A 149 -6.67 29.86 14.45
C ALA A 149 -7.41 28.99 15.47
N ALA A 150 -7.60 27.70 15.18
CA ALA A 150 -8.37 26.81 16.06
C ALA A 150 -7.52 25.72 16.76
N ARG A 151 -6.25 26.02 17.00
CA ARG A 151 -5.34 25.17 17.78
C ARG A 151 -5.38 23.69 17.36
N VAL A 152 -5.29 23.44 16.05
CA VAL A 152 -5.38 22.07 15.55
C VAL A 152 -4.08 21.29 15.79
N ALA A 153 -2.96 21.88 15.39
CA ALA A 153 -1.64 21.23 15.57
C ALA A 153 -1.52 20.72 17.00
N GLU A 154 -1.96 21.54 17.94
CA GLU A 154 -1.97 21.19 19.37
C GLU A 154 -2.77 19.93 19.67
N GLN A 155 -3.91 19.76 19.00
CA GLN A 155 -4.79 18.62 19.23
C GLN A 155 -4.18 17.36 18.65
N ASP A 156 -3.61 17.49 17.45
CA ASP A 156 -2.82 16.43 16.82
C ASP A 156 -1.72 15.94 17.76
N ARG A 157 -0.90 16.86 18.27
CA ARG A 157 0.16 16.51 19.22
C ARG A 157 -0.32 15.83 20.50
N ALA A 158 -1.46 16.27 21.03
CA ALA A 158 -2.06 15.56 22.17
C ALA A 158 -2.44 14.12 21.75
N TYR A 159 -3.04 13.97 20.57
CA TYR A 159 -3.34 12.65 20.02
C TYR A 159 -2.08 11.87 19.69
N LEU A 160 -1.24 12.43 18.82
CA LEU A 160 -0.05 11.74 18.35
C LEU A 160 0.83 11.27 19.50
N GLU A 161 0.77 11.98 20.63
CA GLU A 161 1.66 11.68 21.76
C GLU A 161 0.97 10.89 22.86
N GLY A 162 -0.35 10.86 22.84
CA GLY A 162 -1.10 10.20 23.90
C GLY A 162 -1.80 8.97 23.37
N LEU A 163 -2.94 9.16 22.72
CA LEU A 163 -3.80 8.08 22.27
C LEU A 163 -3.15 7.21 21.19
N CYS A 164 -2.52 7.84 20.22
CA CYS A 164 -1.88 7.11 19.12
C CYS A 164 -0.94 6.05 19.68
N VAL A 165 -0.02 6.46 20.54
CA VAL A 165 1.04 5.58 21.05
C VAL A 165 0.51 4.51 22.02
N GLU A 166 -0.52 4.87 22.79
CA GLU A 166 -1.15 4.01 23.78
C GLU A 166 -1.99 2.88 23.16
N SER A 167 -2.76 3.22 22.14
CA SER A 167 -3.50 2.22 21.37
C SER A 167 -2.55 1.40 20.53
N LEU A 168 -1.53 2.02 19.94
CA LEU A 168 -0.53 1.25 19.21
C LEU A 168 0.16 0.21 20.11
N ARG A 169 0.45 0.58 21.36
CA ARG A 169 1.06 -0.34 22.32
C ARG A 169 0.10 -1.46 22.73
N ARG A 170 -1.20 -1.15 22.86
CA ARG A 170 -2.19 -2.18 23.18
C ARG A 170 -2.37 -3.14 22.00
N TYR A 171 -2.38 -2.60 20.78
CA TYR A 171 -2.49 -3.40 19.55
C TYR A 171 -1.34 -4.41 19.36
N LEU A 172 -0.11 -3.96 19.56
CA LEU A 172 1.10 -4.79 19.41
C LEU A 172 1.14 -5.91 20.45
N GLU A 173 0.46 -5.68 21.57
CA GLU A 173 0.40 -6.66 22.64
C GLU A 173 -0.62 -7.72 22.33
N ASN A 174 -1.82 -7.29 21.93
CA ASN A 174 -2.90 -8.22 21.60
C ASN A 174 -2.61 -9.00 20.34
N GLY A 175 -1.87 -8.38 19.42
CA GLY A 175 -1.49 -9.04 18.18
C GLY A 175 -0.03 -9.41 18.17
N LYS A 176 0.54 -9.66 19.35
CA LYS A 176 1.96 -9.94 19.51
C LYS A 176 2.42 -11.09 18.62
N GLU A 177 1.58 -12.12 18.55
CA GLU A 177 1.91 -13.37 17.90
C GLU A 177 2.26 -13.17 16.41
N THR A 178 1.63 -12.18 15.78
CA THR A 178 1.85 -11.83 14.37
C THR A 178 2.55 -10.46 14.19
N LEU A 179 2.10 -9.45 14.91
CA LEU A 179 2.61 -8.08 14.70
C LEU A 179 4.09 -7.97 15.08
N GLN A 180 4.52 -8.72 16.10
CA GLN A 180 5.90 -8.71 16.56
C GLN A 180 6.69 -9.97 16.13
N ARG A 181 6.24 -10.60 15.04
CA ARG A 181 7.01 -11.65 14.38
C ARG A 181 7.43 -11.20 13.01
N ALA A 182 8.73 -11.26 12.73
CA ALA A 182 9.24 -10.98 11.40
C ALA A 182 9.54 -12.29 10.67
N ASP A 183 8.89 -12.50 9.52
CA ASP A 183 9.11 -13.69 8.67
C ASP A 183 10.23 -13.47 7.66
N PRO A 184 11.30 -14.30 7.72
CA PRO A 184 12.41 -14.08 6.77
C PRO A 184 12.01 -14.44 5.34
N PRO A 185 12.72 -13.87 4.34
CA PRO A 185 12.42 -14.25 2.97
C PRO A 185 13.03 -15.60 2.63
N LYS A 186 12.30 -16.35 1.80
CA LYS A 186 12.82 -17.59 1.22
C LYS A 186 13.47 -17.17 -0.09
N THR A 187 14.76 -17.45 -0.22
CA THR A 187 15.54 -16.96 -1.35
C THR A 187 16.12 -18.06 -2.22
N HIS A 188 16.16 -17.78 -3.52
CA HIS A 188 16.81 -18.64 -4.52
C HIS A 188 17.16 -17.80 -5.77
N VAL A 189 18.13 -18.28 -6.56
CA VAL A 189 18.55 -17.61 -7.77
C VAL A 189 18.18 -18.49 -8.95
N THR A 190 17.37 -17.98 -9.88
CA THR A 190 17.03 -18.71 -11.10
C THR A 190 17.87 -18.30 -12.29
N HIS A 191 17.99 -19.20 -13.26
CA HIS A 191 18.90 -19.08 -14.40
C HIS A 191 18.13 -19.31 -15.70
N HIS A 192 17.87 -18.22 -16.44
CA HIS A 192 17.16 -18.28 -17.72
C HIS A 192 18.07 -17.84 -18.90
N PRO A 193 18.65 -18.80 -19.65
CA PRO A 193 19.40 -18.43 -20.86
C PRO A 193 18.55 -17.57 -21.78
N ILE A 194 19.17 -16.62 -22.48
CA ILE A 194 18.43 -15.71 -23.38
C ILE A 194 18.97 -15.75 -24.83
N SER A 195 20.19 -15.26 -25.04
CA SER A 195 20.96 -15.47 -26.27
C SER A 195 21.73 -16.78 -26.13
N ASP A 196 22.62 -17.06 -27.08
CA ASP A 196 23.62 -18.09 -26.90
C ASP A 196 24.57 -17.67 -25.78
N HIS A 197 24.66 -16.35 -25.59
CA HIS A 197 25.74 -15.77 -24.82
C HIS A 197 25.32 -14.80 -23.70
N GLU A 198 24.02 -14.74 -23.43
CA GLU A 198 23.51 -13.88 -22.37
C GLU A 198 22.49 -14.62 -21.53
N VAL A 199 22.56 -14.42 -20.21
CA VAL A 199 21.64 -15.07 -19.28
C VAL A 199 20.99 -14.12 -18.29
N THR A 200 19.79 -14.49 -17.85
CA THR A 200 19.08 -13.76 -16.80
C THR A 200 19.19 -14.51 -15.48
N LEU A 201 19.90 -13.89 -14.55
CA LEU A 201 19.90 -14.32 -13.16
C LEU A 201 18.84 -13.46 -12.50
N ARG A 202 17.91 -14.11 -11.82
CA ARG A 202 16.89 -13.42 -11.03
C ARG A 202 16.96 -13.93 -9.61
N CYS A 203 17.04 -12.97 -8.68
CA CYS A 203 17.12 -13.26 -7.28
C CYS A 203 15.74 -13.06 -6.68
N TRP A 204 15.22 -14.12 -6.08
CA TRP A 204 13.90 -14.10 -5.48
C TRP A 204 13.97 -13.98 -3.97
N ALA A 205 12.96 -13.32 -3.43
CA ALA A 205 12.68 -13.28 -2.01
C ALA A 205 11.17 -13.43 -1.88
N LEU A 206 10.74 -14.46 -1.14
CA LEU A 206 9.34 -14.80 -0.97
C LEU A 206 8.98 -14.98 0.52
N GLY A 207 7.71 -14.74 0.87
CA GLY A 207 7.19 -15.17 2.18
C GLY A 207 7.68 -14.38 3.37
N PHE A 208 7.99 -13.10 3.17
CA PHE A 208 8.59 -12.32 4.24
C PHE A 208 7.65 -11.25 4.78
N TYR A 209 7.79 -11.00 6.08
CA TYR A 209 7.06 -9.95 6.75
C TYR A 209 8.04 -9.33 7.74
N PRO A 210 8.08 -7.97 7.79
CA PRO A 210 7.30 -7.01 7.02
C PRO A 210 7.83 -6.77 5.61
N ALA A 211 7.23 -5.82 4.89
CA ALA A 211 7.51 -5.53 3.49
C ALA A 211 8.91 -5.02 3.20
N GLU A 212 9.44 -4.18 4.09
CA GLU A 212 10.77 -3.59 3.92
C GLU A 212 11.85 -4.66 3.68
N ILE A 213 12.53 -4.57 2.53
CA ILE A 213 13.60 -5.48 2.16
C ILE A 213 14.61 -4.82 1.22
N THR A 214 15.88 -5.22 1.32
CA THR A 214 16.91 -4.79 0.38
C THR A 214 17.43 -5.99 -0.43
N LEU A 215 17.35 -5.86 -1.75
CA LEU A 215 17.83 -6.84 -2.70
C LEU A 215 18.76 -6.15 -3.65
N THR A 216 20.00 -6.63 -3.71
CA THR A 216 21.01 -5.99 -4.51
C THR A 216 21.91 -7.04 -5.17
N TRP A 217 22.17 -6.84 -6.47
CA TRP A 217 23.19 -7.59 -7.21
C TRP A 217 24.54 -6.89 -7.19
N GLN A 218 25.60 -7.69 -7.01
CA GLN A 218 26.96 -7.20 -7.11
C GLN A 218 27.75 -7.98 -8.16
N ARG A 219 28.64 -7.27 -8.85
CA ARG A 219 29.52 -7.84 -9.85
C ARG A 219 30.95 -7.60 -9.39
N ASP A 220 31.71 -8.67 -9.23
CA ASP A 220 33.06 -8.62 -8.64
C ASP A 220 33.05 -7.93 -7.26
N GLY A 221 31.87 -7.81 -6.66
CA GLY A 221 31.70 -7.17 -5.36
C GLY A 221 31.28 -5.71 -5.43
N GLU A 222 30.84 -5.27 -6.62
CA GLU A 222 30.45 -3.89 -6.88
C GLU A 222 28.95 -3.76 -7.19
N ASP A 223 28.33 -2.72 -6.65
CA ASP A 223 26.92 -2.40 -6.93
C ASP A 223 26.65 -2.27 -8.43
N GLN A 224 25.61 -2.95 -8.89
CA GLN A 224 25.16 -2.87 -10.27
C GLN A 224 23.77 -2.24 -10.29
N THR A 225 23.64 -1.09 -9.62
CA THR A 225 22.36 -0.38 -9.53
C THR A 225 21.68 -0.18 -10.88
N GLN A 226 22.46 0.25 -11.87
CA GLN A 226 21.93 0.65 -13.17
C GLN A 226 21.73 -0.53 -14.16
N ASP A 227 22.39 -1.67 -13.89
CA ASP A 227 22.18 -2.88 -14.70
C ASP A 227 21.12 -3.80 -14.09
N THR A 228 20.75 -3.53 -12.83
CA THR A 228 19.75 -4.29 -12.07
C THR A 228 18.29 -3.86 -12.30
N GLU A 229 17.45 -4.83 -12.68
CA GLU A 229 16.00 -4.62 -12.82
C GLU A 229 15.30 -5.05 -11.53
N LEU A 230 14.56 -4.12 -10.94
CA LEU A 230 13.99 -4.28 -9.61
C LEU A 230 12.48 -4.09 -9.66
N VAL A 231 11.70 -5.13 -9.30
CA VAL A 231 10.23 -4.96 -9.23
C VAL A 231 9.84 -4.42 -7.87
N GLU A 232 8.74 -3.68 -7.83
CA GLU A 232 8.13 -3.22 -6.57
C GLU A 232 7.70 -4.40 -5.69
N THR A 233 7.96 -4.27 -4.39
CA THR A 233 7.55 -5.23 -3.38
C THR A 233 6.03 -5.43 -3.44
N ARG A 234 5.62 -6.69 -3.47
CA ARG A 234 4.23 -7.04 -3.77
C ARG A 234 3.66 -7.97 -2.71
N PRO A 235 2.35 -7.80 -2.38
CA PRO A 235 1.71 -8.67 -1.42
C PRO A 235 1.38 -10.03 -2.03
N ALA A 236 1.58 -11.08 -1.23
CA ALA A 236 1.29 -12.44 -1.63
C ALA A 236 -0.20 -12.78 -1.47
N GLY A 237 -0.80 -12.23 -0.42
CA GLY A 237 -2.17 -12.52 -0.07
C GLY A 237 -2.32 -13.21 1.27
N ASP A 238 -1.22 -13.74 1.79
CA ASP A 238 -1.21 -14.44 3.07
C ASP A 238 -0.53 -13.60 4.17
N ARG A 239 -0.52 -12.27 3.96
CA ARG A 239 0.15 -11.29 4.82
C ARG A 239 1.60 -11.04 4.42
N THR A 240 2.18 -11.94 3.62
CA THR A 240 3.59 -11.82 3.29
C THR A 240 3.81 -11.09 1.98
N PHE A 241 5.08 -10.84 1.66
CA PHE A 241 5.43 -10.06 0.49
C PHE A 241 6.44 -10.81 -0.35
N GLN A 242 6.59 -10.37 -1.60
CA GLN A 242 7.58 -10.92 -2.52
C GLN A 242 8.35 -9.80 -3.22
N LYS A 243 9.59 -10.09 -3.62
CA LYS A 243 10.31 -9.17 -4.48
C LYS A 243 11.37 -9.91 -5.29
N TRP A 244 11.66 -9.44 -6.50
CA TRP A 244 12.86 -9.86 -7.20
C TRP A 244 13.70 -8.73 -7.76
N ALA A 245 15.02 -8.98 -7.79
CA ALA A 245 16.02 -8.18 -8.52
C ALA A 245 16.60 -9.10 -9.60
N ALA A 246 16.95 -8.54 -10.76
CA ALA A 246 17.46 -9.36 -11.88
C ALA A 246 18.59 -8.66 -12.61
N VAL A 247 19.60 -9.44 -13.01
CA VAL A 247 20.64 -8.94 -13.93
C VAL A 247 20.82 -9.80 -15.18
N VAL A 248 21.13 -9.13 -16.28
CA VAL A 248 21.42 -9.82 -17.53
C VAL A 248 22.95 -9.88 -17.61
N VAL A 249 23.48 -11.10 -17.48
CA VAL A 249 24.92 -11.28 -17.47
C VAL A 249 25.36 -12.07 -18.71
N PRO A 250 26.65 -11.97 -19.09
CA PRO A 250 27.15 -12.80 -20.19
C PRO A 250 27.44 -14.23 -19.73
N SER A 251 27.09 -15.20 -20.57
CA SER A 251 27.27 -16.62 -20.30
C SER A 251 28.70 -17.01 -19.97
N GLY A 252 28.84 -17.88 -18.97
CA GLY A 252 30.15 -18.25 -18.45
C GLY A 252 30.62 -17.35 -17.32
N GLU A 253 29.86 -16.27 -17.06
CA GLU A 253 30.23 -15.25 -16.05
C GLU A 253 29.39 -15.26 -14.76
N GLU A 254 28.39 -16.14 -14.68
CA GLU A 254 27.45 -16.23 -13.54
C GLU A 254 28.05 -16.23 -12.12
N GLN A 255 29.35 -16.53 -11.99
CA GLN A 255 29.96 -16.63 -10.66
C GLN A 255 30.65 -15.34 -10.18
N ARG A 256 30.64 -14.31 -11.02
CA ARG A 256 31.16 -13.01 -10.62
C ARG A 256 30.07 -12.21 -9.90
N TYR A 257 28.85 -12.72 -9.97
CA TYR A 257 27.68 -12.06 -9.43
C TYR A 257 27.19 -12.71 -8.14
N THR A 258 26.83 -11.88 -7.18
CA THR A 258 26.23 -12.35 -5.94
C THR A 258 25.00 -11.51 -5.60
N CYS A 259 23.99 -12.16 -5.04
CA CYS A 259 22.78 -11.47 -4.63
C CYS A 259 22.82 -11.19 -3.13
N HIS A 260 22.40 -10.00 -2.75
CA HIS A 260 22.46 -9.58 -1.35
C HIS A 260 21.08 -9.25 -0.76
N VAL A 261 20.76 -9.94 0.33
CA VAL A 261 19.44 -9.90 0.94
C VAL A 261 19.51 -9.31 2.34
N GLN A 262 18.76 -8.22 2.54
CA GLN A 262 18.68 -7.58 3.83
C GLN A 262 17.22 -7.42 4.22
N HIS A 263 16.92 -7.88 5.43
CA HIS A 263 15.58 -7.94 5.94
C HIS A 263 15.61 -8.18 7.44
N GLU A 264 14.60 -7.67 8.16
CA GLU A 264 14.64 -7.69 9.62
C GLU A 264 14.42 -9.05 10.31
N GLY A 265 13.96 -10.04 9.54
CA GLY A 265 13.84 -11.41 10.04
C GLY A 265 15.12 -12.23 9.96
N LEU A 266 16.10 -11.72 9.22
CA LEU A 266 17.39 -12.41 9.08
C LEU A 266 18.41 -11.94 10.12
N PRO A 267 19.10 -12.89 10.79
CA PRO A 267 20.16 -12.47 11.71
C PRO A 267 21.30 -11.79 10.95
N LYS A 268 21.70 -12.39 9.82
CA LYS A 268 22.77 -11.87 8.96
C LYS A 268 22.25 -11.51 7.56
N PRO A 269 22.85 -10.49 6.92
CA PRO A 269 22.50 -10.23 5.53
C PRO A 269 22.99 -11.36 4.63
N LEU A 270 22.12 -11.83 3.75
CA LEU A 270 22.40 -13.02 2.95
C LEU A 270 23.22 -12.71 1.71
N THR A 271 24.21 -13.56 1.45
CA THR A 271 24.91 -13.59 0.16
C THR A 271 24.58 -14.92 -0.53
N LEU A 272 23.99 -14.85 -1.73
CA LEU A 272 23.66 -16.07 -2.51
C LEU A 272 24.02 -16.00 -3.99
N ARG A 273 24.52 -17.11 -4.51
CA ARG A 273 24.90 -17.26 -5.93
C ARG A 273 23.91 -18.15 -6.71
N TRP A 274 24.13 -18.26 -8.02
CA TRP A 274 23.48 -19.31 -8.81
C TRP A 274 24.24 -20.62 -8.58
N GLU A 275 23.51 -21.67 -8.21
CA GLU A 275 24.06 -23.00 -8.00
C GLU A 275 23.45 -23.95 -9.02
N PRO A 276 24.28 -24.79 -9.67
CA PRO A 276 23.85 -25.76 -10.69
C PRO A 276 22.44 -26.33 -10.48
N ILE B 1 -1.12 15.58 -13.27
CA ILE B 1 -2.38 15.29 -12.52
C ILE B 1 -2.63 13.80 -12.38
N GLN B 2 -2.25 13.03 -13.39
CA GLN B 2 -2.64 11.61 -13.51
C GLN B 2 -1.45 10.63 -13.66
N ARG B 3 -1.51 9.50 -12.95
CA ARG B 3 -0.43 8.51 -12.90
C ARG B 3 -0.92 7.12 -13.30
N THR B 4 -0.17 6.46 -14.17
CA THR B 4 -0.56 5.18 -14.78
C THR B 4 -0.18 3.98 -13.90
N PRO B 5 -1.07 2.97 -13.81
CA PRO B 5 -0.80 1.86 -12.90
C PRO B 5 0.41 1.07 -13.36
N LYS B 6 1.09 0.46 -12.40
CA LYS B 6 2.05 -0.59 -12.68
C LYS B 6 1.32 -1.90 -12.42
N ILE B 7 1.65 -2.94 -13.20
CA ILE B 7 0.93 -4.21 -13.18
C ILE B 7 1.87 -5.41 -12.99
N GLN B 8 1.59 -6.21 -11.97
CA GLN B 8 2.26 -7.51 -11.81
C GLN B 8 1.22 -8.61 -11.63
N VAL B 9 1.43 -9.69 -12.36
CA VAL B 9 0.58 -10.88 -12.27
C VAL B 9 1.48 -12.04 -11.92
N TYR B 10 1.07 -12.78 -10.89
CA TYR B 10 1.93 -13.77 -10.25
C TYR B 10 1.10 -14.64 -9.32
N SER B 11 1.65 -15.80 -8.94
CA SER B 11 0.99 -16.70 -7.99
C SER B 11 1.36 -16.41 -6.53
N ARG B 12 0.43 -16.64 -5.61
CA ARG B 12 0.72 -16.52 -4.17
C ARG B 12 1.85 -17.44 -3.72
N HIS B 13 1.86 -18.66 -4.25
CA HIS B 13 2.90 -19.66 -3.94
C HIS B 13 3.59 -20.03 -5.27
N PRO B 14 4.78 -20.68 -5.22
CA PRO B 14 5.37 -21.08 -6.49
C PRO B 14 4.41 -21.98 -7.28
N ALA B 15 4.33 -21.78 -8.60
CA ALA B 15 3.41 -22.54 -9.45
C ALA B 15 3.76 -24.03 -9.54
N GLU B 16 2.74 -24.88 -9.38
CA GLU B 16 2.88 -26.33 -9.56
C GLU B 16 1.58 -26.91 -10.12
N ASN B 17 1.68 -27.60 -11.26
CA ASN B 17 0.51 -28.16 -11.93
C ASN B 17 -0.32 -29.10 -11.07
N GLY B 18 -1.61 -28.79 -10.97
CA GLY B 18 -2.56 -29.61 -10.21
C GLY B 18 -2.66 -29.33 -8.72
N LYS B 19 -1.89 -28.35 -8.23
CA LYS B 19 -2.04 -27.87 -6.85
C LYS B 19 -2.74 -26.51 -6.83
N SER B 20 -3.80 -26.41 -6.02
CA SER B 20 -4.56 -25.15 -5.94
C SER B 20 -3.72 -24.06 -5.28
N ASN B 21 -4.00 -22.81 -5.64
CA ASN B 21 -3.09 -21.69 -5.49
C ASN B 21 -3.88 -20.40 -5.66
N PHE B 22 -3.27 -19.27 -5.33
CA PHE B 22 -3.92 -18.00 -5.58
C PHE B 22 -3.25 -17.23 -6.73
N LEU B 23 -4.09 -16.68 -7.62
CA LEU B 23 -3.62 -15.84 -8.71
C LEU B 23 -3.81 -14.38 -8.31
N ASN B 24 -2.74 -13.59 -8.41
CA ASN B 24 -2.77 -12.18 -8.03
C ASN B 24 -2.51 -11.22 -9.20
N CYS B 25 -3.20 -10.09 -9.17
CA CYS B 25 -2.85 -8.90 -9.97
C CYS B 25 -2.77 -7.69 -9.06
N TYR B 26 -1.54 -7.20 -8.89
CA TYR B 26 -1.24 -6.05 -8.06
C TYR B 26 -1.06 -4.87 -8.98
N VAL B 27 -1.99 -3.94 -8.88
CA VAL B 27 -1.93 -2.70 -9.63
C VAL B 27 -1.49 -1.66 -8.61
N SER B 28 -0.52 -0.84 -8.98
CA SER B 28 0.00 0.09 -8.01
C SER B 28 0.53 1.35 -8.67
N GLY B 29 0.96 2.30 -7.84
CA GLY B 29 1.48 3.59 -8.30
C GLY B 29 0.54 4.40 -9.17
N PHE B 30 -0.77 4.20 -9.06
CA PHE B 30 -1.71 4.89 -9.93
C PHE B 30 -2.55 6.01 -9.29
N HIS B 31 -3.04 6.92 -10.13
CA HIS B 31 -3.84 8.05 -9.67
C HIS B 31 -4.51 8.63 -10.89
N PRO B 32 -5.83 8.82 -10.88
CA PRO B 32 -6.90 8.66 -9.89
C PRO B 32 -7.14 7.23 -9.42
N SER B 33 -8.05 7.09 -8.46
CA SER B 33 -8.29 5.81 -7.78
C SER B 33 -9.08 4.81 -8.60
N ASP B 34 -10.05 5.29 -9.39
CA ASP B 34 -10.90 4.43 -10.21
C ASP B 34 -10.07 3.59 -11.19
N ILE B 35 -10.42 2.30 -11.27
CA ILE B 35 -9.60 1.34 -12.00
C ILE B 35 -10.35 0.05 -12.24
N GLU B 36 -10.16 -0.54 -13.41
CA GLU B 36 -10.87 -1.75 -13.78
C GLU B 36 -9.88 -2.89 -13.96
N VAL B 37 -10.07 -3.95 -13.20
CA VAL B 37 -9.13 -5.07 -13.26
C VAL B 37 -9.88 -6.38 -13.45
N ASP B 38 -9.46 -7.16 -14.43
CA ASP B 38 -9.98 -8.51 -14.67
C ASP B 38 -8.85 -9.53 -14.72
N LEU B 39 -9.07 -10.68 -14.11
CA LEU B 39 -8.22 -11.84 -14.33
C LEU B 39 -8.85 -12.68 -15.43
N LEU B 40 -8.00 -13.10 -16.36
CA LEU B 40 -8.43 -13.84 -17.53
C LEU B 40 -7.86 -15.26 -17.48
N LYS B 41 -8.69 -16.23 -17.89
CA LYS B 41 -8.31 -17.62 -18.04
C LYS B 41 -8.51 -18.02 -19.49
N ASN B 42 -7.43 -18.20 -20.23
CA ASN B 42 -7.47 -18.52 -21.66
C ASN B 42 -8.27 -17.47 -22.46
N GLY B 43 -8.23 -16.23 -22.01
CA GLY B 43 -9.01 -15.16 -22.66
C GLY B 43 -10.28 -14.76 -21.93
N GLU B 44 -10.98 -15.73 -21.35
CA GLU B 44 -12.30 -15.46 -20.73
C GLU B 44 -12.19 -14.93 -19.29
N ARG B 45 -13.02 -13.93 -18.97
CA ARG B 45 -13.00 -13.24 -17.69
C ARG B 45 -13.40 -14.15 -16.52
N ILE B 46 -12.56 -14.18 -15.48
CA ILE B 46 -12.83 -15.01 -14.31
C ILE B 46 -13.84 -14.31 -13.40
N GLU B 47 -14.88 -15.04 -13.01
CA GLU B 47 -15.96 -14.49 -12.21
C GLU B 47 -15.58 -14.37 -10.73
N LYS B 48 -16.27 -13.47 -10.05
CA LYS B 48 -16.23 -13.38 -8.58
C LYS B 48 -14.83 -13.13 -7.94
N VAL B 49 -13.92 -12.55 -8.75
CA VAL B 49 -12.61 -12.12 -8.31
C VAL B 49 -12.71 -11.12 -7.14
N GLU B 50 -11.81 -11.24 -6.16
CA GLU B 50 -11.80 -10.29 -5.05
C GLU B 50 -10.63 -9.34 -5.07
N HIS B 51 -10.85 -8.16 -4.49
CA HIS B 51 -9.79 -7.18 -4.31
C HIS B 51 -9.60 -6.74 -2.85
N SER B 52 -8.42 -6.22 -2.56
CA SER B 52 -8.18 -5.55 -1.30
C SER B 52 -8.89 -4.20 -1.28
N ASP B 53 -9.02 -3.66 -0.07
CA ASP B 53 -9.49 -2.32 0.14
C ASP B 53 -8.44 -1.33 -0.26
N LEU B 54 -8.93 -0.17 -0.69
CA LEU B 54 -8.12 0.87 -1.22
C LEU B 54 -7.23 1.48 -0.17
N SER B 55 -5.97 1.62 -0.54
CA SER B 55 -4.99 2.37 0.23
C SER B 55 -4.04 2.99 -0.76
N PHE B 56 -3.08 3.76 -0.24
CA PHE B 56 -2.15 4.46 -1.08
C PHE B 56 -0.77 4.50 -0.46
N SER B 57 0.23 4.84 -1.26
CA SER B 57 1.61 4.84 -0.81
C SER B 57 1.96 6.21 -0.24
N LYS B 58 3.21 6.37 0.22
CA LYS B 58 3.68 7.63 0.81
C LYS B 58 3.55 8.80 -0.17
N ASP B 59 3.64 8.48 -1.47
CA ASP B 59 3.56 9.42 -2.57
C ASP B 59 2.13 9.71 -2.99
N TRP B 60 1.20 9.10 -2.24
CA TRP B 60 -0.24 9.29 -2.41
C TRP B 60 -0.85 8.45 -3.52
N SER B 61 -0.03 7.66 -4.21
CA SER B 61 -0.53 6.82 -5.29
C SER B 61 -1.15 5.56 -4.72
N PHE B 62 -2.29 5.17 -5.30
CA PHE B 62 -3.10 4.04 -4.84
C PHE B 62 -2.49 2.71 -5.24
N TYR B 63 -2.93 1.65 -4.58
CA TYR B 63 -2.52 0.30 -4.91
C TYR B 63 -3.63 -0.67 -4.54
N LEU B 64 -3.86 -1.65 -5.40
CA LEU B 64 -4.89 -2.65 -5.15
C LEU B 64 -4.39 -4.03 -5.49
N LEU B 65 -4.86 -5.01 -4.71
CA LEU B 65 -4.65 -6.42 -5.02
C LEU B 65 -5.93 -7.10 -5.47
N TYR B 66 -5.93 -7.68 -6.68
CA TYR B 66 -7.01 -8.53 -7.17
C TYR B 66 -6.52 -9.98 -7.16
N TYR B 67 -7.42 -10.91 -6.82
CA TYR B 67 -7.02 -12.29 -6.57
C TYR B 67 -8.17 -13.30 -6.70
N THR B 68 -7.79 -14.52 -7.07
CA THR B 68 -8.74 -15.57 -7.31
C THR B 68 -8.13 -16.92 -6.95
N GLU B 69 -8.99 -17.88 -6.60
CA GLU B 69 -8.52 -19.24 -6.38
C GLU B 69 -8.24 -19.82 -7.76
N PHE B 70 -7.17 -20.59 -7.90
CA PHE B 70 -6.87 -21.27 -9.18
C PHE B 70 -5.93 -22.48 -9.09
N THR B 71 -6.13 -23.41 -10.00
CA THR B 71 -5.28 -24.60 -10.11
C THR B 71 -4.59 -24.56 -11.48
N PRO B 72 -3.31 -24.12 -11.50
CA PRO B 72 -2.53 -24.05 -12.73
C PRO B 72 -2.30 -25.40 -13.37
N THR B 73 -2.46 -25.47 -14.68
CA THR B 73 -2.10 -26.64 -15.46
C THR B 73 -1.18 -26.18 -16.60
N GLU B 74 -0.81 -27.14 -17.46
CA GLU B 74 0.07 -26.87 -18.59
C GLU B 74 -0.51 -25.89 -19.58
N LYS B 75 -1.65 -26.27 -20.18
CA LYS B 75 -2.26 -25.53 -21.27
C LYS B 75 -2.86 -24.18 -20.88
N ASP B 76 -3.43 -24.09 -19.67
CA ASP B 76 -4.17 -22.90 -19.20
C ASP B 76 -3.36 -21.59 -19.13
N GLU B 77 -3.59 -20.72 -20.10
CA GLU B 77 -2.93 -19.42 -20.17
C GLU B 77 -3.70 -18.44 -19.28
N TYR B 78 -2.98 -17.70 -18.45
CA TYR B 78 -3.61 -16.75 -17.51
C TYR B 78 -3.09 -15.33 -17.71
N ALA B 79 -3.97 -14.34 -17.50
CA ALA B 79 -3.58 -12.94 -17.61
C ALA B 79 -4.38 -11.99 -16.69
N CYS B 80 -3.99 -10.72 -16.70
CA CYS B 80 -4.70 -9.65 -16.00
C CYS B 80 -5.02 -8.56 -17.04
N ARG B 81 -6.25 -8.10 -17.07
CA ARG B 81 -6.64 -7.00 -17.97
C ARG B 81 -6.97 -5.78 -17.15
N VAL B 82 -6.25 -4.69 -17.42
CA VAL B 82 -6.27 -3.47 -16.62
C VAL B 82 -6.59 -2.28 -17.50
N ASN B 83 -7.53 -1.48 -17.03
CA ASN B 83 -7.90 -0.25 -17.70
C ASN B 83 -7.98 0.88 -16.67
N HIS B 84 -7.60 2.07 -17.11
CA HIS B 84 -7.47 3.24 -16.24
C HIS B 84 -7.60 4.46 -17.16
N VAL B 85 -8.01 5.59 -16.59
CA VAL B 85 -8.18 6.82 -17.38
C VAL B 85 -6.90 7.20 -18.17
N THR B 86 -5.73 6.81 -17.67
CA THR B 86 -4.44 7.12 -18.32
C THR B 86 -4.20 6.26 -19.55
N LEU B 87 -5.02 5.24 -19.73
CA LEU B 87 -4.85 4.25 -20.80
C LEU B 87 -5.93 4.38 -21.86
N SER B 88 -5.53 4.69 -23.09
CA SER B 88 -6.47 4.77 -24.22
C SER B 88 -7.13 3.42 -24.46
N GLN B 89 -6.37 2.36 -24.26
CA GLN B 89 -6.82 1.00 -24.51
C GLN B 89 -6.47 0.06 -23.35
N PRO B 90 -7.37 -0.89 -22.99
CA PRO B 90 -7.07 -1.73 -21.83
C PRO B 90 -5.75 -2.48 -22.00
N LYS B 91 -5.05 -2.72 -20.91
CA LYS B 91 -3.75 -3.35 -20.98
C LYS B 91 -3.79 -4.77 -20.41
N ILE B 92 -3.32 -5.73 -21.21
CA ILE B 92 -3.28 -7.13 -20.79
C ILE B 92 -1.85 -7.52 -20.39
N VAL B 93 -1.69 -7.96 -19.14
CA VAL B 93 -0.39 -8.45 -18.67
C VAL B 93 -0.48 -9.94 -18.36
N LYS B 94 0.30 -10.73 -19.10
CA LYS B 94 0.24 -12.20 -19.05
C LYS B 94 0.98 -12.80 -17.84
N TRP B 95 0.46 -13.90 -17.31
CA TRP B 95 1.14 -14.63 -16.24
C TRP B 95 2.31 -15.44 -16.78
N ASP B 96 3.41 -15.39 -16.04
CA ASP B 96 4.64 -16.07 -16.37
C ASP B 96 5.16 -16.57 -15.03
N ARG B 97 5.15 -17.89 -14.83
CA ARG B 97 5.42 -18.44 -13.48
C ARG B 97 6.76 -18.02 -12.87
N ASP B 98 7.78 -17.92 -13.73
CA ASP B 98 9.13 -17.49 -13.34
C ASP B 98 9.35 -15.96 -13.41
N MET B 99 8.33 -15.22 -12.95
CA MET B 99 8.33 -13.74 -12.86
C MET B 99 7.28 -13.23 -11.84
N GLU C 1 -6.57 3.21 17.39
CA GLU C 1 -7.57 4.26 17.72
C GLU C 1 -7.30 5.55 16.98
N GLU C 2 -8.37 6.12 16.42
CA GLU C 2 -8.32 7.35 15.65
C GLU C 2 -8.36 8.57 16.56
N ALA C 3 -7.82 9.67 16.06
CA ALA C 3 -8.07 10.99 16.65
C ALA C 3 -9.56 11.32 16.52
N GLY C 4 -10.04 12.27 17.32
CA GLY C 4 -11.44 12.73 17.26
C GLY C 4 -11.78 13.28 15.88
N ALA C 5 -12.96 13.88 15.75
CA ALA C 5 -13.41 14.40 14.45
C ALA C 5 -12.35 15.31 13.81
N ALA C 6 -12.04 15.07 12.54
CA ALA C 6 -11.10 15.91 11.77
C ALA C 6 -11.69 17.29 11.43
N PHE C 7 -10.82 18.25 11.12
CA PHE C 7 -11.20 19.66 10.94
C PHE C 7 -11.33 20.13 9.50
N SER C 8 -12.22 21.10 9.27
CA SER C 8 -12.56 21.56 7.92
C SER C 8 -11.40 22.28 7.24
N PHE C 9 -11.25 22.06 5.93
CA PHE C 9 -10.29 22.80 5.12
C PHE C 9 -10.69 24.28 5.12
C ACT D . 5.79 -16.62 -7.66
O ACT D . 6.50 -17.09 -8.59
OXT ACT D . 5.96 -17.15 -6.54
CH3 ACT D . 4.82 -15.51 -7.87
#